data_7LJY
#
_entry.id   7LJY
#
_cell.length_a   1.00
_cell.length_b   1.00
_cell.length_c   1.00
_cell.angle_alpha   90.00
_cell.angle_beta   90.00
_cell.angle_gamma   90.00
#
_symmetry.space_group_name_H-M   'P 1'
#
loop_
_entity.id
_entity.type
_entity.pdbx_description
1 polymer 'B dENE construct'
2 polymer poly(A)
#
loop_
_entity_poly.entity_id
_entity_poly.type
_entity_poly.pdbx_seq_one_letter_code
_entity_poly.pdbx_strand_id
1 'polyribonucleotide' GGGUACUCUUUUCUUUGUCAUGGUUUUCUCAGGCGAAAGUCUGAGUUUUUACAUGACAAAGUUUUUAACGAGGCCC B
2 'polyribonucleotide' AAAAAAAAAAAAAAAAAAAAAAAAAAAA A
#
loop_
_chem_comp.id
_chem_comp.type
_chem_comp.name
_chem_comp.formula
A RNA linking ADENOSINE-5'-MONOPHOSPHATE 'C10 H14 N5 O7 P'
C RNA linking CYTIDINE-5'-MONOPHOSPHATE 'C9 H14 N3 O8 P'
G RNA linking GUANOSINE-5'-MONOPHOSPHATE 'C10 H14 N5 O8 P'
U RNA linking URIDINE-5'-MONOPHOSPHATE 'C9 H13 N2 O9 P'
#